data_7XHE
#
_entry.id   7XHE
#
_cell.length_a   48.580
_cell.length_b   33.770
_cell.length_c   78.350
_cell.angle_alpha   90.000
_cell.angle_beta   94.660
_cell.angle_gamma   90.000
#
_symmetry.space_group_name_H-M   'P 1 21 1'
#
loop_
_entity.id
_entity.type
_entity.pdbx_description
1 polymer 'CREB-binding protein'
2 non-polymer (6S)-6-[5-(3,5-dimethyl-1,2-oxazol-4-yl)-1-[(3R)-1-methylsulfonylpyrrolidin-3-yl]benzimidazol-2-yl]-1-(3-fluoranyl-4-methoxy-phenyl)piperidin-2-one
3 non-polymer 1,2-ETHANEDIOL
4 water water
#
_entity_poly.entity_id   1
_entity_poly.type   'polypeptide(L)'
_entity_poly.pdbx_seq_one_letter_code
;MKKGHHHHHHLVPRGSRKKIFKPEELRQALMPTLEALYRQDPESLPFRQPVDPQLLGIPDYFDIVKNPMDLSTIKRKLDT
GQYQEPWQYVDDVWLMFNNAWLYNRKTSRVYKFCSKLAEVFEQEIDPVMQSLG
;
_entity_poly.pdbx_strand_id   A,B
#
loop_
_chem_comp.id
_chem_comp.type
_chem_comp.name
_chem_comp.formula
EDO non-polymer 1,2-ETHANEDIOL 'C2 H6 O2'
JHF non-polymer (6S)-6-[5-(3,5-dimethyl-1,2-oxazol-4-yl)-1-[(3R)-1-methylsulfonylpyrrolidin-3-yl]benzimidazol-2-yl]-1-(3-fluoranyl-4-methoxy-phenyl)piperidin-2-one 'C29 H32 F N5 O5 S'
#
# COMPACT_ATOMS: atom_id res chain seq x y z
N GLY A 4 6.44 -1.35 -0.96
CA GLY A 4 5.60 -2.00 0.10
C GLY A 4 4.25 -2.50 -0.42
N HIS A 5 3.55 -3.26 0.43
CA HIS A 5 2.13 -3.60 0.23
C HIS A 5 1.30 -2.36 0.65
N HIS A 6 0.17 -2.17 -0.02
CA HIS A 6 -0.75 -1.06 0.30
C HIS A 6 -2.20 -1.57 0.22
N HIS A 7 -2.98 -1.32 1.26
CA HIS A 7 -4.40 -1.69 1.25
C HIS A 7 -5.16 -0.94 0.11
N HIS A 8 -6.22 -1.56 -0.42
CA HIS A 8 -7.07 -0.96 -1.46
C HIS A 8 -8.53 -1.41 -1.24
N HIS A 9 -9.47 -0.45 -1.21
CA HIS A 9 -10.92 -0.75 -1.08
C HIS A 9 -11.50 -1.08 -2.45
N LYS A 19 -12.57 -13.17 2.22
CA LYS A 19 -11.49 -13.82 1.49
C LYS A 19 -10.56 -14.55 2.47
N ILE A 20 -10.78 -15.85 2.61
CA ILE A 20 -9.75 -16.76 3.14
C ILE A 20 -9.25 -17.56 1.95
N PHE A 21 -7.92 -17.54 1.75
CA PHE A 21 -7.27 -18.21 0.60
C PHE A 21 -6.71 -19.53 1.09
N LYS A 22 -6.88 -20.61 0.35
CA LYS A 22 -6.17 -21.86 0.65
C LYS A 22 -4.67 -21.73 0.37
N PRO A 23 -3.82 -22.39 1.16
CA PRO A 23 -2.36 -22.31 0.90
C PRO A 23 -1.99 -22.67 -0.54
N GLU A 24 -2.66 -23.65 -1.13
CA GLU A 24 -2.34 -24.07 -2.49
C GLU A 24 -2.75 -23.03 -3.51
N GLU A 25 -3.81 -22.27 -3.23
CA GLU A 25 -4.23 -21.16 -4.09
C GLU A 25 -3.20 -20.02 -4.05
N LEU A 26 -2.73 -19.70 -2.85
CA LEU A 26 -1.66 -18.72 -2.71
C LEU A 26 -0.40 -19.16 -3.42
N ARG A 27 -0.02 -20.40 -3.21
CA ARG A 27 1.22 -20.89 -3.78
C ARG A 27 1.13 -20.76 -5.28
N GLN A 28 -0.01 -21.20 -5.85
CA GLN A 28 -0.22 -21.11 -7.28
C GLN A 28 -0.16 -19.71 -7.85
N ALA A 29 -0.82 -18.77 -7.22
CA ALA A 29 -0.86 -17.41 -7.65
C ALA A 29 0.48 -16.71 -7.45
N LEU A 30 1.13 -16.90 -6.29
CA LEU A 30 2.31 -16.12 -5.93
C LEU A 30 3.60 -16.73 -6.41
N MET A 31 3.65 -18.07 -6.56
CA MET A 31 4.91 -18.67 -6.93
C MET A 31 5.53 -18.10 -8.22
N PRO A 32 4.74 -17.81 -9.26
CA PRO A 32 5.36 -17.19 -10.43
C PRO A 32 6.11 -15.87 -10.18
N THR A 33 5.64 -15.08 -9.22
CA THR A 33 6.28 -13.84 -8.89
C THR A 33 7.65 -14.13 -8.25
N LEU A 34 7.75 -15.15 -7.40
CA LEU A 34 9.04 -15.53 -6.81
C LEU A 34 9.98 -16.12 -7.87
N GLU A 35 9.41 -16.95 -8.75
CA GLU A 35 10.16 -17.52 -9.85
C GLU A 35 10.78 -16.42 -10.71
N ALA A 36 10.03 -15.35 -10.94
CA ALA A 36 10.57 -14.21 -11.69
C ALA A 36 11.75 -13.55 -11.02
N LEU A 37 11.77 -13.54 -9.69
CA LEU A 37 12.93 -13.05 -9.00
C LEU A 37 14.12 -13.98 -9.16
N TYR A 38 13.91 -15.28 -8.95
CA TYR A 38 14.98 -16.22 -9.12
C TYR A 38 15.56 -16.25 -10.52
N ARG A 39 14.76 -15.93 -11.52
CA ARG A 39 15.22 -15.95 -12.90
C ARG A 39 16.19 -14.83 -13.20
N GLN A 40 16.20 -13.77 -12.36
CA GLN A 40 17.12 -12.68 -12.60
C GLN A 40 18.55 -13.15 -12.22
N ASP A 41 19.43 -13.27 -13.20
CA ASP A 41 20.74 -13.78 -13.01
C ASP A 41 21.69 -12.85 -13.75
N PRO A 42 22.63 -12.23 -13.08
CA PRO A 42 23.09 -12.52 -11.70
C PRO A 42 22.43 -11.77 -10.54
N GLU A 43 21.41 -10.99 -10.83
CA GLU A 43 20.87 -10.01 -9.87
C GLU A 43 20.34 -10.70 -8.60
N SER A 44 19.77 -11.90 -8.71
CA SER A 44 19.16 -12.56 -7.53
C SER A 44 20.21 -13.31 -6.71
N LEU A 45 21.40 -13.57 -7.24
CA LEU A 45 22.37 -14.39 -6.51
C LEU A 45 22.69 -13.99 -5.07
N PRO A 46 22.83 -12.68 -4.78
CA PRO A 46 23.11 -12.33 -3.38
C PRO A 46 21.94 -12.52 -2.45
N PHE A 47 20.76 -12.76 -3.00
CA PHE A 47 19.49 -12.83 -2.25
C PHE A 47 18.96 -14.25 -2.06
N ARG A 48 19.65 -15.23 -2.61
CA ARG A 48 19.15 -16.61 -2.60
C ARG A 48 19.43 -17.35 -1.31
N GLN A 49 20.25 -16.84 -0.41
CA GLN A 49 20.50 -17.45 0.89
C GLN A 49 20.63 -16.37 1.89
N PRO A 50 20.44 -16.71 3.16
CA PRO A 50 20.58 -15.64 4.16
C PRO A 50 21.96 -15.01 4.18
N VAL A 51 22.00 -13.72 4.45
CA VAL A 51 23.26 -13.06 4.60
C VAL A 51 24.01 -13.71 5.78
N ASP A 52 25.26 -14.10 5.53
CA ASP A 52 26.13 -14.70 6.56
C ASP A 52 27.23 -13.70 6.88
N PRO A 53 27.04 -12.92 7.97
CA PRO A 53 28.00 -11.92 8.35
C PRO A 53 29.38 -12.43 8.73
N GLN A 54 29.48 -13.69 9.16
CA GLN A 54 30.78 -14.28 9.48
C GLN A 54 31.60 -14.53 8.19
N LEU A 55 30.97 -15.17 7.20
CA LEU A 55 31.65 -15.37 5.92
C LEU A 55 31.98 -14.04 5.24
N LEU A 56 31.09 -13.06 5.33
CA LEU A 56 31.30 -11.79 4.66
C LEU A 56 32.13 -10.80 5.45
N GLY A 57 32.51 -11.12 6.70
CA GLY A 57 33.41 -10.26 7.44
C GLY A 57 32.74 -8.94 7.81
N ILE A 58 31.44 -8.98 8.10
CA ILE A 58 30.68 -7.81 8.43
C ILE A 58 29.97 -7.97 9.76
N PRO A 59 30.74 -7.84 10.83
CA PRO A 59 30.14 -8.02 12.13
C PRO A 59 29.01 -7.06 12.52
N ASP A 60 28.88 -5.89 11.87
CA ASP A 60 27.78 -4.98 12.16
C ASP A 60 26.43 -5.28 11.43
N TYR A 61 26.38 -6.35 10.60
CA TYR A 61 25.18 -6.56 9.83
C TYR A 61 23.94 -6.66 10.69
N PHE A 62 24.03 -7.43 11.76
CA PHE A 62 22.88 -7.69 12.61
C PHE A 62 22.62 -6.56 13.59
N ASP A 63 23.57 -5.64 13.77
CA ASP A 63 23.26 -4.30 14.34
C ASP A 63 22.32 -3.47 13.53
N ILE A 64 22.46 -3.50 12.20
CA ILE A 64 21.63 -2.68 11.31
C ILE A 64 20.32 -3.36 10.95
N VAL A 65 20.45 -4.67 10.63
CA VAL A 65 19.37 -5.52 10.15
C VAL A 65 18.88 -6.45 11.27
N LYS A 66 17.71 -6.11 11.81
CA LYS A 66 17.18 -6.89 12.94
C LYS A 66 16.30 -8.06 12.52
N ASN A 67 15.72 -8.01 11.31
CA ASN A 67 14.78 -8.98 10.82
C ASN A 67 15.24 -9.42 9.42
N PRO A 68 16.21 -10.30 9.41
CA PRO A 68 16.76 -10.73 8.08
C PRO A 68 15.70 -11.46 7.25
N MET A 69 15.80 -11.35 5.92
CA MET A 69 14.92 -12.06 4.99
C MET A 69 15.71 -12.30 3.70
N ASP A 70 15.37 -13.37 2.99
CA ASP A 70 16.00 -13.69 1.71
C ASP A 70 15.05 -14.63 0.96
N LEU A 71 15.41 -14.94 -0.27
CA LEU A 71 14.54 -15.66 -1.16
C LEU A 71 14.34 -17.09 -0.61
N SER A 72 15.36 -17.69 -0.04
CA SER A 72 15.18 -19.10 0.45
C SER A 72 14.15 -19.17 1.54
N THR A 73 14.08 -18.14 2.35
CA THR A 73 13.19 -18.08 3.52
C THR A 73 11.77 -17.89 3.00
N ILE A 74 11.60 -16.98 2.02
CA ILE A 74 10.34 -16.71 1.42
C ILE A 74 9.78 -17.93 0.72
N LYS A 75 10.64 -18.62 -0.02
CA LYS A 75 10.26 -19.85 -0.70
C LYS A 75 9.81 -20.91 0.29
N ARG A 76 10.55 -21.08 1.35
CA ARG A 76 10.18 -22.12 2.34
C ARG A 76 8.80 -21.79 2.92
N LYS A 77 8.55 -20.54 3.24
CA LYS A 77 7.28 -20.11 3.78
C LYS A 77 6.14 -20.33 2.79
N LEU A 78 6.35 -20.02 1.50
CA LEU A 78 5.35 -20.31 0.50
C LEU A 78 5.09 -21.78 0.32
N ASP A 79 6.15 -22.55 0.26
CA ASP A 79 6.13 -24.03 0.06
C ASP A 79 5.36 -24.73 1.20
N THR A 80 5.48 -24.24 2.42
CA THR A 80 4.91 -24.86 3.63
C THR A 80 3.60 -24.23 4.01
N GLY A 81 3.10 -23.26 3.23
CA GLY A 81 1.74 -22.74 3.46
C GLY A 81 1.64 -21.80 4.63
N GLN A 82 2.73 -21.09 4.95
CA GLN A 82 2.81 -20.17 6.07
C GLN A 82 2.14 -18.83 5.84
N TYR A 83 1.95 -18.43 4.61
CA TYR A 83 1.26 -17.17 4.36
C TYR A 83 -0.25 -17.45 4.31
N GLN A 84 -1.01 -16.69 5.10
CA GLN A 84 -2.47 -16.81 5.13
CA GLN A 84 -2.48 -16.78 5.17
C GLN A 84 -3.10 -15.82 4.14
N GLU A 85 -2.42 -14.72 3.87
CA GLU A 85 -2.93 -13.66 3.02
C GLU A 85 -1.79 -13.21 2.12
N PRO A 86 -2.10 -12.81 0.88
CA PRO A 86 -1.04 -12.40 -0.05
C PRO A 86 -0.17 -11.22 0.47
N TRP A 87 -0.75 -10.29 1.24
CA TRP A 87 0.02 -9.17 1.78
C TRP A 87 1.17 -9.61 2.66
N GLN A 88 1.09 -10.78 3.30
CA GLN A 88 2.16 -11.22 4.16
C GLN A 88 3.39 -11.62 3.32
N TYR A 89 3.16 -12.26 2.18
CA TYR A 89 4.22 -12.61 1.21
C TYR A 89 4.85 -11.31 0.70
N VAL A 90 4.00 -10.37 0.31
CA VAL A 90 4.47 -9.11 -0.26
C VAL A 90 5.31 -8.41 0.81
N ASP A 91 4.85 -8.37 2.04
CA ASP A 91 5.68 -7.76 3.09
C ASP A 91 7.08 -8.37 3.24
N ASP A 92 7.18 -9.70 3.13
CA ASP A 92 8.44 -10.35 3.33
C ASP A 92 9.38 -10.01 2.15
N VAL A 93 8.83 -9.96 0.95
CA VAL A 93 9.64 -9.60 -0.20
C VAL A 93 10.21 -8.17 0.01
N TRP A 94 9.34 -7.23 0.38
CA TRP A 94 9.85 -5.86 0.61
C TRP A 94 10.78 -5.76 1.80
N LEU A 95 10.62 -6.61 2.81
CA LEU A 95 11.51 -6.62 3.92
C LEU A 95 12.93 -6.96 3.41
N MET A 96 13.01 -8.00 2.58
CA MET A 96 14.28 -8.39 2.00
C MET A 96 14.92 -7.22 1.26
N PHE A 97 14.15 -6.53 0.43
CA PHE A 97 14.68 -5.36 -0.32
C PHE A 97 15.08 -4.20 0.57
N ASN A 98 14.22 -3.89 1.53
CA ASN A 98 14.52 -2.77 2.38
C ASN A 98 15.73 -3.02 3.20
N ASN A 99 15.93 -4.24 3.67
CA ASN A 99 17.13 -4.56 4.41
C ASN A 99 18.42 -4.34 3.58
N ALA A 100 18.35 -4.72 2.31
CA ALA A 100 19.52 -4.65 1.43
C ALA A 100 19.80 -3.18 1.09
N TRP A 101 18.72 -2.41 0.91
CA TRP A 101 18.91 -0.97 0.69
C TRP A 101 19.42 -0.23 1.91
N LEU A 102 19.08 -0.72 3.10
CA LEU A 102 19.50 -0.10 4.33
C LEU A 102 20.96 -0.33 4.65
N TYR A 103 21.40 -1.60 4.52
CA TYR A 103 22.72 -1.94 4.86
C TYR A 103 23.81 -1.51 3.87
N ASN A 104 23.56 -1.77 2.61
CA ASN A 104 24.52 -1.53 1.55
C ASN A 104 24.43 -0.08 1.01
N ARG A 105 25.60 0.40 0.57
CA ARG A 105 25.65 1.68 -0.06
C ARG A 105 25.10 1.68 -1.46
N LYS A 106 24.53 2.81 -1.89
CA LYS A 106 23.91 2.89 -3.20
C LYS A 106 24.86 2.69 -4.36
N THR A 107 26.16 2.91 -4.09
CA THR A 107 27.23 2.65 -5.05
C THR A 107 27.54 1.17 -5.31
N SER A 108 27.09 0.30 -4.42
CA SER A 108 27.42 -1.11 -4.51
C SER A 108 26.58 -1.88 -5.54
N ARG A 109 27.20 -2.94 -6.03
CA ARG A 109 26.53 -3.85 -6.90
C ARG A 109 25.27 -4.45 -6.25
N VAL A 110 25.36 -4.87 -4.99
CA VAL A 110 24.25 -5.56 -4.36
C VAL A 110 23.07 -4.61 -4.18
N TYR A 111 23.33 -3.34 -3.87
CA TYR A 111 22.24 -2.36 -3.81
C TYR A 111 21.55 -2.12 -5.20
N LYS A 112 22.36 -2.00 -6.25
CA LYS A 112 21.82 -1.88 -7.59
C LYS A 112 21.03 -3.09 -8.00
N PHE A 113 21.51 -4.29 -7.64
CA PHE A 113 20.81 -5.53 -7.93
C PHE A 113 19.51 -5.62 -7.17
N CYS A 114 19.53 -5.14 -5.94
CA CYS A 114 18.30 -5.02 -5.18
C CYS A 114 17.28 -4.16 -5.91
N SER A 115 17.69 -2.99 -6.39
CA SER A 115 16.78 -2.17 -7.12
C SER A 115 16.20 -2.84 -8.38
N LYS A 116 17.03 -3.61 -9.09
CA LYS A 116 16.59 -4.31 -10.27
C LYS A 116 15.54 -5.38 -9.92
N LEU A 117 15.75 -6.12 -8.85
CA LEU A 117 14.79 -7.10 -8.44
C LEU A 117 13.47 -6.49 -7.99
N ALA A 118 13.55 -5.32 -7.33
CA ALA A 118 12.34 -4.63 -6.88
C ALA A 118 11.49 -4.18 -8.05
N GLU A 119 12.14 -3.72 -9.14
CA GLU A 119 11.44 -3.33 -10.34
C GLU A 119 10.70 -4.49 -10.96
N VAL A 120 11.38 -5.63 -11.06
CA VAL A 120 10.77 -6.88 -11.55
C VAL A 120 9.62 -7.30 -10.67
N PHE A 121 9.82 -7.27 -9.36
CA PHE A 121 8.75 -7.65 -8.44
C PHE A 121 7.50 -6.78 -8.60
N GLU A 122 7.69 -5.47 -8.72
CA GLU A 122 6.55 -4.53 -8.83
C GLU A 122 5.73 -4.88 -10.08
N GLN A 123 6.43 -5.11 -11.17
CA GLN A 123 5.79 -5.42 -12.42
C GLN A 123 4.98 -6.72 -12.35
N GLU A 124 5.51 -7.73 -11.71
CA GLU A 124 4.87 -9.07 -11.62
C GLU A 124 3.77 -9.14 -10.58
N ILE A 125 3.93 -8.46 -9.46
CA ILE A 125 2.99 -8.60 -8.37
C ILE A 125 1.69 -7.85 -8.60
N ASP A 126 1.76 -6.78 -9.40
CA ASP A 126 0.62 -5.89 -9.54
C ASP A 126 -0.61 -6.62 -10.12
N PRO A 127 -0.47 -7.28 -11.29
CA PRO A 127 -1.65 -7.95 -11.81
C PRO A 127 -2.11 -9.10 -10.93
N VAL A 128 -1.19 -9.76 -10.23
CA VAL A 128 -1.53 -10.84 -9.32
C VAL A 128 -2.39 -10.33 -8.19
N MET A 129 -2.01 -9.23 -7.55
CA MET A 129 -2.78 -8.71 -6.43
C MET A 129 -4.20 -8.29 -6.87
N GLN A 130 -4.30 -7.62 -8.02
CA GLN A 130 -5.61 -7.31 -8.66
C GLN A 130 -6.52 -8.53 -8.74
N SER A 131 -6.05 -9.61 -9.37
CA SER A 131 -6.75 -10.90 -9.37
C SER A 131 -7.24 -11.36 -8.01
N LEU A 132 -6.31 -11.46 -7.06
CA LEU A 132 -6.63 -12.00 -5.74
C LEU A 132 -7.53 -11.07 -4.90
N GLY A 133 -7.62 -9.79 -5.29
CA GLY A 133 -8.60 -8.85 -4.76
C GLY A 133 -8.25 -8.29 -3.41
N PHE B 21 -31.95 12.64 -8.14
CA PHE B 21 -31.79 13.28 -6.80
C PHE B 21 -31.56 14.77 -6.95
N LYS B 22 -32.14 15.54 -6.04
CA LYS B 22 -31.84 16.98 -5.99
C LYS B 22 -30.58 17.22 -5.17
N PRO B 23 -29.70 18.14 -5.61
CA PRO B 23 -28.48 18.51 -4.86
C PRO B 23 -28.67 18.71 -3.35
N GLU B 24 -29.81 19.26 -2.95
CA GLU B 24 -30.01 19.70 -1.57
C GLU B 24 -30.39 18.48 -0.73
N GLU B 25 -31.09 17.53 -1.36
CA GLU B 25 -31.31 16.22 -0.76
C GLU B 25 -29.95 15.49 -0.54
N LEU B 26 -29.09 15.55 -1.56
CA LEU B 26 -27.75 14.92 -1.47
C LEU B 26 -26.92 15.56 -0.36
N ARG B 27 -26.85 16.89 -0.38
CA ARG B 27 -26.24 17.63 0.73
C ARG B 27 -26.77 17.18 2.07
N GLN B 28 -28.08 17.11 2.22
CA GLN B 28 -28.63 16.78 3.52
C GLN B 28 -28.40 15.37 3.99
N ALA B 29 -28.45 14.40 3.08
CA ALA B 29 -28.10 13.02 3.45
C ALA B 29 -26.59 12.82 3.65
N LEU B 30 -25.78 13.43 2.78
CA LEU B 30 -24.32 13.07 2.71
C LEU B 30 -23.41 13.96 3.54
N MET B 31 -23.75 15.24 3.69
CA MET B 31 -22.91 16.16 4.45
C MET B 31 -22.66 15.69 5.90
N PRO B 32 -23.64 15.07 6.57
CA PRO B 32 -23.29 14.58 7.92
C PRO B 32 -22.17 13.54 7.95
N THR B 33 -22.06 12.74 6.90
CA THR B 33 -21.00 11.73 6.80
C THR B 33 -19.65 12.41 6.57
N LEU B 34 -19.64 13.46 5.76
CA LEU B 34 -18.44 14.28 5.59
C LEU B 34 -18.04 15.01 6.88
N GLU B 35 -19.01 15.60 7.60
CA GLU B 35 -18.73 16.24 8.92
C GLU B 35 -18.17 15.26 9.95
N ALA B 36 -18.67 14.01 9.90
CA ALA B 36 -18.08 12.95 10.71
C ALA B 36 -16.57 12.83 10.50
N LEU B 37 -16.16 12.96 9.25
CA LEU B 37 -14.72 12.88 8.91
C LEU B 37 -13.94 14.07 9.44
N TYR B 38 -14.49 15.26 9.28
CA TYR B 38 -13.85 16.45 9.82
C TYR B 38 -13.76 16.46 11.33
N ARG B 39 -14.72 15.82 12.00
CA ARG B 39 -14.71 15.73 13.45
C ARG B 39 -13.52 14.95 14.00
N GLN B 40 -12.94 14.05 13.19
CA GLN B 40 -11.80 13.25 13.61
C GLN B 40 -10.56 14.15 13.59
N ASP B 41 -9.99 14.39 14.76
CA ASP B 41 -8.83 15.25 14.94
C ASP B 41 -7.95 14.40 15.89
N PRO B 42 -6.71 14.03 15.51
CA PRO B 42 -5.98 14.61 14.37
C PRO B 42 -6.15 13.92 13.02
N GLU B 43 -6.85 12.80 12.96
CA GLU B 43 -6.78 11.88 11.83
C GLU B 43 -7.17 12.54 10.47
N SER B 44 -8.08 13.50 10.50
CA SER B 44 -8.53 14.14 9.25
C SER B 44 -7.62 15.25 8.78
N LEU B 45 -6.67 15.72 9.61
CA LEU B 45 -5.89 16.91 9.26
C LEU B 45 -5.08 16.75 7.94
N PRO B 46 -4.48 15.57 7.70
CA PRO B 46 -3.79 15.46 6.40
C PRO B 46 -4.67 15.49 5.14
N PHE B 47 -5.97 15.30 5.34
CA PHE B 47 -6.94 15.12 4.24
C PHE B 47 -7.77 16.37 3.96
N ARG B 48 -7.53 17.44 4.69
CA ARG B 48 -8.43 18.60 4.64
C ARG B 48 -8.24 19.48 3.43
N GLN B 49 -7.06 19.38 2.82
CA GLN B 49 -6.66 20.20 1.68
C GLN B 49 -5.94 19.28 0.67
N PRO B 50 -5.89 19.67 -0.61
CA PRO B 50 -5.14 18.88 -1.57
C PRO B 50 -3.69 18.69 -1.16
N VAL B 51 -3.18 17.50 -1.41
CA VAL B 51 -1.75 17.22 -1.21
C VAL B 51 -0.97 18.18 -2.11
N ASP B 52 0.02 18.82 -1.53
CA ASP B 52 0.80 19.82 -2.23
C ASP B 52 2.24 19.26 -2.34
N PRO B 53 2.56 18.59 -3.46
CA PRO B 53 3.89 17.99 -3.56
C PRO B 53 5.04 19.00 -3.52
N GLN B 54 4.82 20.23 -3.97
CA GLN B 54 5.93 21.22 -4.03
C GLN B 54 6.32 21.66 -2.62
N LEU B 55 5.30 22.02 -1.85
CA LEU B 55 5.43 22.33 -0.44
C LEU B 55 6.09 21.22 0.32
N LEU B 56 5.63 19.99 0.09
CA LEU B 56 6.04 18.82 0.88
C LEU B 56 7.28 18.08 0.36
N GLY B 57 7.86 18.58 -0.72
CA GLY B 57 9.08 18.01 -1.27
C GLY B 57 8.93 16.58 -1.72
N ILE B 58 7.78 16.24 -2.34
CA ILE B 58 7.52 14.89 -2.83
C ILE B 58 7.19 14.93 -4.33
N PRO B 59 8.23 15.14 -5.15
CA PRO B 59 7.98 15.42 -6.56
C PRO B 59 7.38 14.26 -7.36
N ASP B 60 7.48 13.02 -6.88
CA ASP B 60 6.84 11.85 -7.50
C ASP B 60 5.34 11.69 -7.24
N TYR B 61 4.74 12.54 -6.37
CA TYR B 61 3.34 12.31 -5.93
C TYR B 61 2.34 12.20 -7.11
N PHE B 62 2.43 13.15 -8.03
CA PHE B 62 1.51 13.22 -9.17
C PHE B 62 1.83 12.17 -10.25
N ASP B 63 2.99 11.54 -10.17
CA ASP B 63 3.30 10.37 -10.98
C ASP B 63 2.72 9.12 -10.38
N ILE B 64 2.55 9.05 -9.07
CA ILE B 64 1.98 7.88 -8.43
C ILE B 64 0.44 7.99 -8.32
N VAL B 65 -0.02 9.16 -7.90
CA VAL B 65 -1.47 9.39 -7.65
C VAL B 65 -2.01 10.12 -8.88
N LYS B 66 -2.69 9.39 -9.76
CA LYS B 66 -3.15 9.97 -11.05
C LYS B 66 -4.37 10.89 -10.88
N ASN B 67 -5.25 10.58 -9.94
CA ASN B 67 -6.45 11.42 -9.69
C ASN B 67 -6.59 11.82 -8.23
N PRO B 68 -5.99 12.97 -7.88
CA PRO B 68 -5.93 13.39 -6.46
C PRO B 68 -7.35 13.69 -5.96
N MET B 69 -7.58 13.53 -4.65
CA MET B 69 -8.86 13.88 -4.06
C MET B 69 -8.64 14.15 -2.57
N ASP B 70 -9.42 15.07 -2.01
CA ASP B 70 -9.29 15.45 -0.62
C ASP B 70 -10.66 15.98 -0.15
N LEU B 71 -10.76 16.26 1.15
CA LEU B 71 -12.08 16.64 1.74
C LEU B 71 -12.56 17.95 1.20
N SER B 72 -11.67 18.89 0.96
CA SER B 72 -12.06 20.21 0.48
C SER B 72 -12.68 20.16 -0.91
N THR B 73 -12.13 19.30 -1.77
CA THR B 73 -12.67 19.04 -3.09
C THR B 73 -14.02 18.35 -3.04
N ILE B 74 -14.14 17.34 -2.19
CA ILE B 74 -15.43 16.65 -1.99
C ILE B 74 -16.51 17.65 -1.49
N LYS B 75 -16.14 18.45 -0.51
CA LYS B 75 -17.05 19.48 0.05
C LYS B 75 -17.50 20.44 -1.08
N ARG B 76 -16.54 20.94 -1.85
CA ARG B 76 -16.85 21.83 -2.98
C ARG B 76 -17.81 21.16 -3.99
N LYS B 77 -17.65 19.86 -4.25
CA LYS B 77 -18.59 19.18 -5.18
C LYS B 77 -20.00 19.03 -4.59
N LEU B 78 -20.10 18.77 -3.31
CA LEU B 78 -21.40 18.71 -2.68
C LEU B 78 -22.03 20.08 -2.69
N ASP B 79 -21.23 21.11 -2.46
CA ASP B 79 -21.75 22.45 -2.34
C ASP B 79 -22.27 22.93 -3.66
N THR B 80 -21.64 22.50 -4.75
CA THR B 80 -22.02 22.95 -6.07
C THR B 80 -22.91 21.91 -6.79
N GLY B 81 -23.41 20.90 -6.06
CA GLY B 81 -24.32 19.90 -6.64
C GLY B 81 -23.76 19.11 -7.82
N GLN B 82 -22.46 18.80 -7.77
CA GLN B 82 -21.79 18.09 -8.89
C GLN B 82 -22.02 16.60 -8.84
N TYR B 83 -22.51 16.06 -7.73
CA TYR B 83 -22.88 14.67 -7.67
C TYR B 83 -24.34 14.53 -8.07
N GLN B 84 -24.58 13.67 -9.05
CA GLN B 84 -25.93 13.35 -9.50
C GLN B 84 -26.51 12.26 -8.63
N GLU B 85 -25.67 11.30 -8.23
CA GLU B 85 -26.09 10.16 -7.41
C GLU B 85 -25.19 10.01 -6.19
N PRO B 86 -25.70 9.39 -5.13
CA PRO B 86 -24.94 9.22 -3.91
C PRO B 86 -23.68 8.38 -4.11
N TRP B 87 -23.74 7.33 -4.94
CA TRP B 87 -22.55 6.48 -5.18
C TRP B 87 -21.34 7.26 -5.71
N GLN B 88 -21.57 8.39 -6.38
CA GLN B 88 -20.51 9.22 -6.93
C GLN B 88 -19.71 9.96 -5.85
N TYR B 89 -20.42 10.42 -4.84
CA TYR B 89 -19.80 10.94 -3.64
C TYR B 89 -18.98 9.84 -2.92
N VAL B 90 -19.59 8.67 -2.80
CA VAL B 90 -18.97 7.51 -2.15
C VAL B 90 -17.68 7.15 -2.89
N ASP B 91 -17.73 7.14 -4.23
CA ASP B 91 -16.53 6.88 -5.02
C ASP B 91 -15.38 7.88 -4.78
N ASP B 92 -15.71 9.16 -4.61
CA ASP B 92 -14.67 10.18 -4.40
C ASP B 92 -14.03 9.99 -3.01
N VAL B 93 -14.82 9.64 -2.03
CA VAL B 93 -14.26 9.39 -0.67
C VAL B 93 -13.30 8.19 -0.71
N TRP B 94 -13.71 7.08 -1.32
CA TRP B 94 -12.78 5.93 -1.50
C TRP B 94 -11.56 6.24 -2.35
N LEU B 95 -11.68 7.13 -3.34
CA LEU B 95 -10.55 7.55 -4.10
C LEU B 95 -9.52 8.24 -3.21
N MET B 96 -10.00 9.16 -2.38
CA MET B 96 -9.13 9.87 -1.46
C MET B 96 -8.37 8.89 -0.57
N PHE B 97 -9.08 7.92 0.00
CA PHE B 97 -8.49 6.92 0.89
C PHE B 97 -7.57 5.99 0.12
N ASN B 98 -8.04 5.46 -1.01
CA ASN B 98 -7.14 4.67 -1.84
C ASN B 98 -5.86 5.36 -2.25
N ASN B 99 -5.89 6.65 -2.56
CA ASN B 99 -4.72 7.38 -2.96
C ASN B 99 -3.73 7.44 -1.78
N ALA B 100 -4.24 7.64 -0.55
CA ALA B 100 -3.38 7.75 0.65
C ALA B 100 -2.78 6.38 1.01
N TRP B 101 -3.58 5.32 0.91
CA TRP B 101 -3.06 3.99 1.14
C TRP B 101 -1.98 3.63 0.13
N LEU B 102 -2.18 4.01 -1.12
CA LEU B 102 -1.21 3.74 -2.16
C LEU B 102 0.12 4.47 -1.96
N TYR B 103 0.06 5.77 -1.69
CA TYR B 103 1.26 6.58 -1.82
C TYR B 103 2.15 6.37 -0.60
N ASN B 104 1.51 6.24 0.55
CA ASN B 104 2.16 6.27 1.87
C ASN B 104 2.49 4.88 2.38
N ARG B 105 3.55 4.75 3.18
CA ARG B 105 3.92 3.42 3.69
C ARG B 105 3.01 2.99 4.82
N LYS B 106 2.80 1.67 4.96
CA LYS B 106 1.89 1.11 5.96
C LYS B 106 2.21 1.48 7.40
N THR B 107 3.48 1.72 7.69
CA THR B 107 3.92 2.14 9.00
C THR B 107 3.74 3.65 9.29
N SER B 108 3.35 4.43 8.29
CA SER B 108 3.25 5.89 8.48
C SER B 108 1.99 6.30 9.22
N ARG B 109 2.12 7.45 9.88
CA ARG B 109 0.98 8.07 10.55
C ARG B 109 -0.18 8.36 9.59
N VAL B 110 0.12 8.87 8.41
CA VAL B 110 -0.92 9.19 7.45
C VAL B 110 -1.68 7.92 7.03
N TYR B 111 -0.95 6.84 6.75
CA TYR B 111 -1.60 5.59 6.39
C TYR B 111 -2.53 5.10 7.51
N LYS B 112 -2.06 5.09 8.76
CA LYS B 112 -2.89 4.67 9.90
C LYS B 112 -4.09 5.58 10.11
N PHE B 113 -3.92 6.88 9.91
CA PHE B 113 -5.05 7.81 10.01
C PHE B 113 -6.05 7.57 8.89
N CYS B 114 -5.55 7.27 7.69
CA CYS B 114 -6.40 6.92 6.58
C CYS B 114 -7.27 5.72 6.95
N SER B 115 -6.65 4.69 7.56
CA SER B 115 -7.39 3.52 7.99
C SER B 115 -8.49 3.84 9.01
N LYS B 116 -8.18 4.70 9.97
CA LYS B 116 -9.13 5.10 10.98
C LYS B 116 -10.30 5.87 10.34
N LEU B 117 -10.00 6.82 9.46
CA LEU B 117 -11.04 7.57 8.75
C LEU B 117 -11.95 6.70 7.91
N ALA B 118 -11.35 5.70 7.24
CA ALA B 118 -12.11 4.79 6.40
C ALA B 118 -13.08 3.96 7.23
N GLU B 119 -12.66 3.55 8.43
CA GLU B 119 -13.56 2.89 9.40
C GLU B 119 -14.72 3.78 9.88
N VAL B 120 -14.42 5.04 10.16
CA VAL B 120 -15.49 6.01 10.50
C VAL B 120 -16.45 6.17 9.30
N PHE B 121 -15.91 6.32 8.09
CA PHE B 121 -16.76 6.47 6.91
C PHE B 121 -17.68 5.28 6.65
N GLU B 122 -17.13 4.08 6.77
CA GLU B 122 -17.89 2.82 6.63
C GLU B 122 -19.10 2.82 7.58
N GLN B 123 -18.90 3.13 8.85
CA GLN B 123 -20.01 3.17 9.81
C GLN B 123 -21.06 4.25 9.53
N GLU B 124 -20.62 5.38 8.98
CA GLU B 124 -21.48 6.52 8.70
C GLU B 124 -22.30 6.37 7.45
N ILE B 125 -21.68 5.86 6.40
CA ILE B 125 -22.27 5.83 5.09
C ILE B 125 -23.30 4.70 4.91
N ASP B 126 -23.19 3.61 5.66
CA ASP B 126 -24.09 2.45 5.47
C ASP B 126 -25.57 2.77 5.66
N PRO B 127 -25.95 3.31 6.83
CA PRO B 127 -27.36 3.67 7.00
C PRO B 127 -27.86 4.72 6.02
N VAL B 128 -26.98 5.63 5.61
CA VAL B 128 -27.33 6.64 4.61
C VAL B 128 -27.57 6.02 3.21
N MET B 129 -26.77 5.02 2.82
CA MET B 129 -26.96 4.37 1.51
C MET B 129 -28.13 3.39 1.49
N GLN B 130 -28.43 2.80 2.65
CA GLN B 130 -29.65 2.02 2.85
C GLN B 130 -30.86 2.92 2.56
N SER B 131 -30.98 3.99 3.35
CA SER B 131 -32.17 4.84 3.30
C SER B 131 -32.37 5.68 2.02
N LEU B 132 -31.33 5.81 1.18
CA LEU B 132 -31.39 6.59 -0.06
C LEU B 132 -31.88 5.75 -1.25
CBJ JHF C . 25.93 -11.62 -8.09
OBI JHF C . 26.01 -10.35 -7.40
CBE JHF C . 27.10 -10.22 -6.57
CBF JHF C . 27.14 -9.01 -5.87
FBH JHF C . 26.09 -8.16 -5.96
CBG JHF C . 28.20 -8.79 -4.99
CBD JHF C . 28.19 -11.13 -6.46
CBC JHF C . 29.24 -10.89 -5.57
CBB JHF C . 29.27 -9.71 -4.84
NBA JHF C . 30.27 -9.47 -3.92
CAZ JHF C . 31.27 -8.64 -4.31
OBK JHF C . 31.16 -8.10 -5.40
CAY JHF C . 32.34 -8.33 -3.40
CAX JHF C . 32.66 -9.56 -2.63
CAW JHF C . 31.52 -9.96 -1.62
CAR JHF C . 30.30 -10.30 -2.60
CAO JHF C . 29.02 -10.27 -1.86
NAP JHF C . 28.50 -9.19 -1.27
CAL JHF C . 27.30 -9.55 -0.74
CAM JHF C . 26.37 -8.84 0.00
CAF JHF C . 25.17 -9.38 0.46
CAA JHF C . 24.25 -8.63 1.18
CAE JHF C . 24.53 -7.81 2.24
CAG JHF C . 25.86 -7.53 2.87
OAD JHF C . 23.45 -7.22 2.68
NAC JHF C . 22.32 -7.73 1.81
CAB JHF C . 22.90 -8.53 0.96
CAH JHF C . 22.05 -9.23 -0.04
CAI JHF C . 24.95 -10.74 0.16
CAJ JHF C . 25.94 -11.44 -0.54
CAK JHF C . 27.07 -10.85 -0.99
NAN JHF C . 28.17 -11.32 -1.69
CAQ JHF C . 28.28 -12.75 -2.22
CAV JHF C . 28.25 -13.68 -1.10
CAS JHF C . 27.19 -13.10 -3.23
CAT JHF C . 26.80 -14.54 -2.89
NAU JHF C . 27.60 -14.84 -1.71
SBL JHF C . 27.20 -16.10 -0.57
OBM JHF C . 25.89 -16.72 -0.92
OBN JHF C . 27.44 -15.66 0.87
CBO JHF C . 28.50 -17.28 -1.00
C1 EDO D . 7.37 -17.74 -14.44
O1 EDO D . 8.14 -18.82 -13.95
C2 EDO D . 7.41 -16.68 -13.38
O2 EDO D . 6.90 -15.44 -13.86
CBJ JHF E . -2.15 15.13 11.76
OBI JHF E . -1.58 14.04 11.03
CBE JHF E . -0.31 14.26 10.57
CBF JHF E . 0.21 13.19 9.87
FBH JHF E . -0.50 12.09 9.68
CBG JHF E . 1.50 13.30 9.34
CBD JHF E . 0.41 15.40 10.74
CBC JHF E . 1.71 15.49 10.21
CBB JHF E . 2.26 14.44 9.51
NBA JHF E . 3.52 14.62 8.98
CAZ JHF E . 4.58 14.12 9.66
OBK JHF E . 4.29 13.43 10.63
CAY JHF E . 5.91 14.24 9.31
CAX JHF E . 6.23 15.25 8.28
CAW JHF E . 5.14 15.26 7.16
CAR JHF E . 3.72 15.49 7.72
CAO JHF E . 2.73 15.26 6.65
NAP JHF E . 2.72 14.17 5.86
CAL JHF E . 1.68 14.26 4.99
CAM JHF E . 1.24 13.43 4.02
CAF JHF E . 0.11 13.71 3.24
CAA JHF E . -0.34 12.84 2.23
CAE JHF E . 0.39 12.25 1.26
CAG JHF E . 1.84 12.43 0.97
OAD JHF E . -0.31 11.46 0.53
NAC JHF E . -1.66 11.54 1.05
CAB JHF E . -1.58 12.35 2.11
CAH JHF E . -2.85 12.70 2.87
CAI JHF E . -0.51 14.94 3.50
CAJ JHF E . -0.05 15.77 4.52
CAK JHF E . 1.06 15.43 5.26
NAN JHF E . 1.72 16.06 6.27
CAQ JHF E . 1.33 17.39 6.88
CAV JHF E . 1.38 18.41 5.82
CAS JHF E . -0.10 17.37 7.50
CAT JHF E . -0.84 18.56 7.00
NAU JHF E . 0.17 19.17 6.16
SBL JHF E . -0.23 20.38 5.05
OBM JHF E . -1.72 20.40 4.89
OBN JHF E . 0.54 20.27 3.77
CBO JHF E . 0.39 21.77 5.99
#